data_6RWT
#
_entry.id   6RWT
#
_cell.length_a   44.418
_cell.length_b   55.909
_cell.length_c   97.585
_cell.angle_alpha   90.00
_cell.angle_beta   90.00
_cell.angle_gamma   90.00
#
_symmetry.space_group_name_H-M   'P 21 21 21'
#
loop_
_entity.id
_entity.type
_entity.pdbx_description
1 polymer 'Ubiquinol-cytochrome C chaperone'
2 non-polymer 'MAGNESIUM ION'
3 non-polymer 'ACETATE ION'
4 non-polymer GLYCEROL
5 water water
#
_entity_poly.entity_id   1
_entity_poly.type   'polypeptide(L)'
_entity_poly.pdbx_seq_one_letter_code
;MILQLFRRKSKANEAIVLRVYEVIVAAARQKRFYAQFQVPDTPLGRYEMLSLHIFLALHRMKGENPALNALAQEIADEFF
KDVDHSLRELGIGDQGVPKRMKKLARMFYGRVGAYGAALDANDAQALAAALTRNIRPDLEFWPHACYLGAYVLQCRDCLR
EISDEALAAGDISYMDVDQVDLAP
;
_entity_poly.pdbx_strand_id   A
#
loop_
_chem_comp.id
_chem_comp.type
_chem_comp.name
_chem_comp.formula
ACT non-polymer 'ACETATE ION' 'C2 H3 O2 -1'
GOL non-polymer GLYCEROL 'C3 H8 O3'
MG non-polymer 'MAGNESIUM ION' 'Mg 2'
#
# COMPACT_ATOMS: atom_id res chain seq x y z
N MET A 1 -25.32 -3.67 28.35
CA MET A 1 -24.02 -2.99 28.03
C MET A 1 -23.38 -3.38 26.70
N ILE A 2 -23.66 -4.58 26.19
CA ILE A 2 -22.96 -5.09 24.99
C ILE A 2 -23.36 -4.35 23.72
N LEU A 3 -24.63 -3.94 23.59
CA LEU A 3 -25.03 -3.12 22.43
C LEU A 3 -24.32 -1.76 22.40
N GLN A 4 -24.27 -1.10 23.56
N GLN A 4 -24.25 -1.08 23.55
CA GLN A 4 -23.54 0.17 23.71
CA GLN A 4 -23.53 0.18 23.63
C GLN A 4 -22.06 0.04 23.32
C GLN A 4 -22.04 0.04 23.30
N LEU A 5 -21.42 -1.03 23.80
CA LEU A 5 -20.01 -1.32 23.49
C LEU A 5 -19.79 -1.63 22.01
N PHE A 6 -20.64 -2.49 21.45
CA PHE A 6 -20.58 -2.82 20.00
C PHE A 6 -20.70 -1.53 19.17
N ARG A 7 -21.66 -0.66 19.51
CA ARG A 7 -21.85 0.59 18.76
C ARG A 7 -20.65 1.52 18.88
N ARG A 8 -20.13 1.67 20.10
N ARG A 8 -20.14 1.68 20.10
CA ARG A 8 -18.96 2.52 20.35
CA ARG A 8 -18.96 2.52 20.35
C ARG A 8 -17.75 2.07 19.53
C ARG A 8 -17.76 2.06 19.53
N LYS A 9 -17.48 0.76 19.55
CA LYS A 9 -16.36 0.19 18.79
C LYS A 9 -16.58 0.19 17.28
N SER A 10 -17.82 0.04 16.81
CA SER A 10 -18.14 0.16 15.38
C SER A 10 -17.88 1.58 14.87
N LYS A 11 -18.30 2.58 15.64
CA LYS A 11 -18.04 4.00 15.29
C LYS A 11 -16.52 4.29 15.28
N ALA A 12 -15.83 3.83 16.31
CA ALA A 12 -14.38 3.97 16.44
C ALA A 12 -13.64 3.30 15.27
N ASN A 13 -14.15 2.15 14.83
CA ASN A 13 -13.58 1.42 13.68
C ASN A 13 -13.54 2.28 12.43
N GLU A 14 -14.65 2.96 12.15
CA GLU A 14 -14.74 3.83 10.96
C GLU A 14 -13.72 4.97 11.02
N ALA A 15 -13.56 5.57 12.20
CA ALA A 15 -12.54 6.61 12.41
C ALA A 15 -11.11 6.08 12.23
N ILE A 16 -10.83 4.88 12.74
CA ILE A 16 -9.52 4.22 12.57
C ILE A 16 -9.20 3.92 11.10
N VAL A 17 -10.16 3.37 10.37
CA VAL A 17 -9.97 3.05 8.94
C VAL A 17 -9.65 4.33 8.15
N LEU A 18 -10.38 5.41 8.41
CA LEU A 18 -10.15 6.68 7.73
C LEU A 18 -8.75 7.23 8.02
N ARG A 19 -8.32 7.22 9.29
N ARG A 19 -8.35 7.19 9.30
CA ARG A 19 -6.98 7.78 9.59
CA ARG A 19 -7.04 7.70 9.71
C ARG A 19 -5.86 6.92 9.05
C ARG A 19 -5.91 6.92 9.05
N VAL A 20 -5.99 5.60 9.15
CA VAL A 20 -4.97 4.68 8.58
C VAL A 20 -4.85 4.87 7.05
N TYR A 21 -5.99 4.88 6.36
CA TYR A 21 -5.98 5.05 4.90
C TYR A 21 -5.35 6.41 4.49
N GLU A 22 -5.69 7.47 5.23
CA GLU A 22 -5.12 8.80 4.95
C GLU A 22 -3.59 8.86 5.14
N VAL A 23 -3.08 8.16 6.15
CA VAL A 23 -1.62 8.04 6.33
C VAL A 23 -0.95 7.34 5.15
N ILE A 24 -1.56 6.25 4.67
CA ILE A 24 -1.05 5.49 3.53
C ILE A 24 -1.02 6.38 2.27
N VAL A 25 -2.13 7.08 2.00
CA VAL A 25 -2.24 7.97 0.83
C VAL A 25 -1.18 9.09 0.88
N ALA A 26 -1.02 9.71 2.05
CA ALA A 26 0.00 10.77 2.22
C ALA A 26 1.41 10.25 1.97
N ALA A 27 1.71 9.06 2.48
CA ALA A 27 3.03 8.45 2.24
C ALA A 27 3.31 8.23 0.75
N ALA A 28 2.31 7.77 0.01
CA ALA A 28 2.43 7.54 -1.44
C ALA A 28 2.60 8.82 -2.29
N ARG A 29 2.20 9.97 -1.73
CA ARG A 29 2.28 11.28 -2.41
C ARG A 29 3.58 12.07 -2.14
N GLN A 30 4.51 11.52 -1.36
CA GLN A 30 5.79 12.24 -1.04
C GLN A 30 6.51 12.66 -2.32
N LYS A 31 6.92 13.93 -2.38
CA LYS A 31 7.40 14.56 -3.62
C LYS A 31 8.67 13.95 -4.20
N ARG A 32 9.57 13.47 -3.33
CA ARG A 32 10.87 12.92 -3.76
C ARG A 32 10.73 11.75 -4.75
N PHE A 33 9.67 10.94 -4.63
CA PHE A 33 9.47 9.83 -5.56
C PHE A 33 9.42 10.33 -7.02
N TYR A 34 8.73 11.45 -7.22
CA TYR A 34 8.42 11.99 -8.55
C TYR A 34 9.47 13.00 -9.04
N ALA A 35 10.11 13.70 -8.12
CA ALA A 35 11.20 14.59 -8.48
C ALA A 35 12.48 13.75 -8.63
N GLN A 36 13.28 13.59 -7.58
CA GLN A 36 14.59 12.96 -7.72
C GLN A 36 14.56 11.52 -8.26
N PHE A 37 13.63 10.68 -7.77
CA PHE A 37 13.66 9.24 -8.12
C PHE A 37 13.10 8.91 -9.51
N GLN A 38 12.43 9.89 -10.16
CA GLN A 38 11.89 9.71 -11.51
C GLN A 38 10.79 8.64 -11.63
N VAL A 39 10.03 8.45 -10.55
CA VAL A 39 8.74 7.73 -10.66
C VAL A 39 7.82 8.62 -11.53
N PRO A 40 7.18 8.06 -12.56
CA PRO A 40 6.35 8.92 -13.42
C PRO A 40 5.16 9.55 -12.67
N ASP A 41 4.93 10.85 -12.84
CA ASP A 41 3.79 11.54 -12.23
C ASP A 41 2.62 11.45 -13.21
N THR A 42 2.07 10.23 -13.31
CA THR A 42 1.05 9.85 -14.28
C THR A 42 0.02 9.00 -13.57
N PRO A 43 -1.16 8.79 -14.18
CA PRO A 43 -2.14 7.90 -13.52
C PRO A 43 -1.55 6.53 -13.10
N LEU A 44 -0.77 5.91 -13.99
CA LEU A 44 -0.15 4.62 -13.67
C LEU A 44 0.97 4.73 -12.61
N GLY A 45 1.82 5.74 -12.71
CA GLY A 45 2.91 5.91 -11.73
C GLY A 45 2.42 6.19 -10.31
N ARG A 46 1.38 7.02 -10.20
CA ARG A 46 0.73 7.29 -8.92
C ARG A 46 0.08 6.01 -8.33
N TYR A 47 -0.54 5.19 -9.20
CA TYR A 47 -1.03 3.87 -8.80
C TYR A 47 0.13 2.98 -8.25
N GLU A 48 1.30 3.01 -8.90
CA GLU A 48 2.42 2.18 -8.43
C GLU A 48 2.83 2.58 -7.00
N MET A 49 2.82 3.88 -6.70
CA MET A 49 3.15 4.33 -5.34
C MET A 49 2.04 3.99 -4.34
N LEU A 50 0.77 4.15 -4.70
CA LEU A 50 -0.31 3.78 -3.77
C LEU A 50 -0.29 2.27 -3.47
N SER A 51 -0.21 1.45 -4.52
CA SER A 51 -0.18 0.00 -4.37
C SER A 51 1.03 -0.50 -3.56
N LEU A 52 2.19 0.14 -3.75
CA LEU A 52 3.38 -0.19 -2.94
C LEU A 52 3.11 0.02 -1.44
N HIS A 53 2.52 1.16 -1.09
CA HIS A 53 2.27 1.51 0.31
C HIS A 53 1.12 0.68 0.93
N ILE A 54 0.09 0.39 0.14
CA ILE A 54 -0.96 -0.54 0.56
C ILE A 54 -0.37 -1.95 0.82
N PHE A 55 0.45 -2.44 -0.12
CA PHE A 55 1.14 -3.71 0.06
C PHE A 55 1.90 -3.76 1.40
N LEU A 56 2.67 -2.71 1.70
CA LEU A 56 3.46 -2.69 2.94
C LEU A 56 2.57 -2.86 4.17
N ALA A 57 1.42 -2.20 4.17
CA ALA A 57 0.45 -2.35 5.28
C ALA A 57 -0.12 -3.78 5.39
N LEU A 58 -0.58 -4.32 4.28
CA LEU A 58 -1.14 -5.68 4.26
C LEU A 58 -0.10 -6.74 4.67
N HIS A 59 1.12 -6.57 4.16
CA HIS A 59 2.26 -7.46 4.48
C HIS A 59 2.53 -7.51 5.98
N ARG A 60 2.47 -6.35 6.64
CA ARG A 60 2.63 -6.28 8.11
C ARG A 60 1.46 -6.92 8.88
N MET A 61 0.25 -6.66 8.40
CA MET A 61 -0.97 -7.06 9.13
C MET A 61 -1.36 -8.52 9.01
N LYS A 62 -0.99 -9.18 7.91
CA LYS A 62 -1.31 -10.61 7.70
C LYS A 62 -0.72 -11.47 8.81
N GLY A 63 -1.57 -12.28 9.43
CA GLY A 63 -1.13 -13.15 10.51
C GLY A 63 -2.29 -13.85 11.20
N GLU A 64 -2.16 -14.04 12.50
CA GLU A 64 -3.18 -14.75 13.31
C GLU A 64 -4.03 -13.84 14.19
N ASN A 65 -3.76 -12.53 14.18
CA ASN A 65 -4.48 -11.54 15.00
C ASN A 65 -5.79 -11.14 14.27
N PRO A 66 -6.97 -11.44 14.87
CA PRO A 66 -8.24 -11.09 14.20
C PRO A 66 -8.42 -9.59 13.93
N ALA A 67 -7.99 -8.74 14.86
CA ALA A 67 -8.12 -7.29 14.68
C ALA A 67 -7.26 -6.78 13.52
N LEU A 68 -6.02 -7.27 13.39
CA LEU A 68 -5.17 -6.85 12.26
C LEU A 68 -5.64 -7.46 10.92
N ASN A 69 -6.12 -8.70 10.93
CA ASN A 69 -6.69 -9.28 9.70
C ASN A 69 -7.92 -8.48 9.22
N ALA A 70 -8.76 -8.02 10.16
CA ALA A 70 -9.94 -7.21 9.81
C ALA A 70 -9.55 -5.83 9.29
N LEU A 71 -8.58 -5.18 9.94
CA LEU A 71 -8.08 -3.89 9.46
C LEU A 71 -7.49 -4.01 8.04
N ALA A 72 -6.76 -5.10 7.78
CA ALA A 72 -6.23 -5.38 6.43
C ALA A 72 -7.36 -5.49 5.39
N GLN A 73 -8.43 -6.21 5.74
CA GLN A 73 -9.62 -6.31 4.88
C GLN A 73 -10.23 -4.92 4.56
N GLU A 74 -10.32 -4.07 5.59
CA GLU A 74 -10.85 -2.71 5.46
C GLU A 74 -9.99 -1.85 4.52
N ILE A 75 -8.67 -1.92 4.69
N ILE A 75 -8.67 -1.92 4.69
CA ILE A 75 -7.74 -1.14 3.87
CA ILE A 75 -7.74 -1.16 3.86
C ILE A 75 -7.77 -1.63 2.41
C ILE A 75 -7.79 -1.62 2.40
N ALA A 76 -7.80 -2.94 2.20
CA ALA A 76 -7.99 -3.51 0.86
C ALA A 76 -9.30 -3.05 0.21
N ASP A 77 -10.40 -3.05 0.97
CA ASP A 77 -11.71 -2.57 0.48
C ASP A 77 -11.63 -1.11 0.01
N GLU A 78 -11.03 -0.26 0.84
CA GLU A 78 -10.90 1.18 0.49
C GLU A 78 -10.01 1.38 -0.74
N PHE A 79 -8.91 0.62 -0.82
CA PHE A 79 -7.99 0.63 -1.97
C PHE A 79 -8.70 0.27 -3.29
N PHE A 80 -9.44 -0.83 -3.30
CA PHE A 80 -10.10 -1.26 -4.54
C PHE A 80 -11.24 -0.30 -4.95
N LYS A 81 -11.93 0.31 -3.98
CA LYS A 81 -12.89 1.40 -4.32
C LYS A 81 -12.19 2.60 -5.00
N ASP A 82 -11.04 2.97 -4.45
N ASP A 82 -11.04 2.99 -4.48
CA ASP A 82 -10.17 4.02 -4.99
CA ASP A 82 -10.27 4.09 -5.09
C ASP A 82 -9.74 3.72 -6.43
C ASP A 82 -9.74 3.72 -6.49
N VAL A 83 -9.20 2.51 -6.65
CA VAL A 83 -8.69 2.11 -7.98
C VAL A 83 -9.82 1.99 -9.02
N ASP A 84 -10.97 1.45 -8.60
CA ASP A 84 -12.17 1.42 -9.46
C ASP A 84 -12.44 2.82 -10.04
N HIS A 85 -12.52 3.82 -9.15
CA HIS A 85 -12.76 5.20 -9.55
C HIS A 85 -11.65 5.74 -10.46
N SER A 86 -10.38 5.47 -10.13
CA SER A 86 -9.25 5.91 -10.96
C SER A 86 -9.30 5.36 -12.39
N LEU A 87 -9.77 4.12 -12.54
CA LEU A 87 -9.92 3.55 -13.89
C LEU A 87 -11.06 4.23 -14.66
N ARG A 88 -12.16 4.50 -13.97
CA ARG A 88 -13.27 5.27 -14.58
C ARG A 88 -12.86 6.69 -15.00
N GLU A 89 -11.93 7.31 -14.27
CA GLU A 89 -11.36 8.61 -14.66
C GLU A 89 -10.64 8.58 -16.04
N LEU A 90 -10.14 7.40 -16.43
CA LEU A 90 -9.49 7.19 -17.74
C LEU A 90 -10.39 6.56 -18.81
N GLY A 91 -11.69 6.49 -18.55
CA GLY A 91 -12.64 5.84 -19.46
C GLY A 91 -12.59 4.32 -19.48
N ILE A 92 -12.00 3.71 -18.45
CA ILE A 92 -11.95 2.25 -18.30
C ILE A 92 -13.10 1.84 -17.38
N GLY A 93 -14.28 1.67 -17.98
CA GLY A 93 -15.47 1.15 -17.30
C GLY A 93 -15.70 -0.31 -17.66
N ASP A 94 -16.90 -0.80 -17.42
CA ASP A 94 -17.23 -2.19 -17.75
C ASP A 94 -17.49 -2.45 -19.24
N GLN A 95 -17.73 -1.40 -20.03
CA GLN A 95 -17.90 -1.51 -21.48
C GLN A 95 -16.64 -2.06 -22.16
N GLY A 96 -16.73 -3.26 -22.70
CA GLY A 96 -15.57 -3.93 -23.31
C GLY A 96 -14.51 -4.43 -22.33
N VAL A 97 -14.79 -4.35 -21.02
CA VAL A 97 -13.89 -4.84 -19.97
C VAL A 97 -14.70 -5.65 -18.95
N PRO A 98 -15.15 -6.84 -19.34
CA PRO A 98 -15.78 -7.74 -18.38
C PRO A 98 -14.78 -8.18 -17.30
N LYS A 99 -15.31 -8.54 -16.14
CA LYS A 99 -14.51 -8.98 -14.99
C LYS A 99 -13.45 -7.95 -14.58
N ARG A 100 -13.77 -6.66 -14.75
CA ARG A 100 -12.81 -5.57 -14.53
C ARG A 100 -12.17 -5.63 -13.15
N MET A 101 -13.00 -5.77 -12.11
CA MET A 101 -12.51 -5.77 -10.73
C MET A 101 -11.67 -6.99 -10.37
N LYS A 102 -12.08 -8.16 -10.88
CA LYS A 102 -11.31 -9.39 -10.71
C LYS A 102 -9.92 -9.27 -11.35
N LYS A 103 -9.87 -8.69 -12.55
CA LYS A 103 -8.59 -8.45 -13.24
C LYS A 103 -7.69 -7.45 -12.48
N LEU A 104 -8.30 -6.39 -11.92
N LEU A 104 -8.32 -6.41 -11.93
CA LEU A 104 -7.54 -5.42 -11.11
CA LEU A 104 -7.60 -5.41 -11.12
C LEU A 104 -6.96 -6.05 -9.86
C LEU A 104 -7.00 -6.01 -9.86
N ALA A 105 -7.77 -6.83 -9.16
CA ALA A 105 -7.27 -7.57 -7.97
C ALA A 105 -6.10 -8.50 -8.29
N ARG A 106 -6.18 -9.24 -9.40
CA ARG A 106 -5.06 -10.06 -9.88
C ARG A 106 -3.84 -9.19 -10.23
N MET A 107 -4.06 -8.03 -10.84
CA MET A 107 -2.96 -7.09 -11.16
C MET A 107 -2.25 -6.64 -9.88
N PHE A 108 -3.02 -6.35 -8.83
CA PHE A 108 -2.44 -5.97 -7.55
C PHE A 108 -1.69 -7.15 -6.90
N TYR A 109 -2.39 -8.19 -6.52
CA TYR A 109 -1.77 -9.29 -5.75
C TYR A 109 -0.62 -9.99 -6.49
N GLY A 110 -0.76 -10.15 -7.81
CA GLY A 110 0.29 -10.77 -8.63
C GLY A 110 1.58 -9.98 -8.71
N ARG A 111 1.47 -8.67 -8.93
CA ARG A 111 2.65 -7.84 -9.18
C ARG A 111 3.38 -7.42 -7.90
N VAL A 112 2.66 -7.32 -6.78
CA VAL A 112 3.31 -6.97 -5.49
C VAL A 112 3.87 -8.18 -4.73
N GLY A 113 3.50 -9.40 -5.16
CA GLY A 113 4.05 -10.63 -4.55
C GLY A 113 5.58 -10.69 -4.56
N ALA A 114 6.18 -10.20 -5.65
CA ALA A 114 7.65 -10.11 -5.74
C ALA A 114 8.27 -9.23 -4.65
N TYR A 115 7.55 -8.17 -4.25
CA TYR A 115 8.00 -7.32 -3.13
C TYR A 115 8.03 -8.11 -1.82
N GLY A 116 6.98 -8.88 -1.58
CA GLY A 116 6.90 -9.73 -0.38
C GLY A 116 8.00 -10.78 -0.29
N ALA A 117 8.24 -11.49 -1.39
CA ALA A 117 9.32 -12.50 -1.43
C ALA A 117 10.70 -11.88 -1.20
N ALA A 118 10.95 -10.73 -1.85
CA ALA A 118 12.22 -10.03 -1.69
C ALA A 118 12.43 -9.53 -0.25
N LEU A 119 11.39 -8.96 0.36
CA LEU A 119 11.47 -8.49 1.75
C LEU A 119 11.67 -9.64 2.74
N ASP A 120 10.92 -10.72 2.58
CA ASP A 120 11.05 -11.90 3.47
C ASP A 120 12.46 -12.54 3.39
N ALA A 121 13.09 -12.50 2.21
CA ALA A 121 14.46 -12.98 1.98
C ALA A 121 15.56 -11.93 2.25
N ASN A 122 15.16 -10.69 2.57
CA ASN A 122 16.07 -9.56 2.74
C ASN A 122 17.03 -9.40 1.54
N ASP A 123 16.47 -9.56 0.35
CA ASP A 123 17.22 -9.56 -0.90
C ASP A 123 16.98 -8.22 -1.62
N ALA A 124 17.90 -7.28 -1.43
CA ALA A 124 17.81 -5.93 -2.00
C ALA A 124 17.92 -5.89 -3.54
N GLN A 125 18.67 -6.83 -4.11
CA GLN A 125 18.83 -6.94 -5.55
C GLN A 125 17.50 -7.35 -6.17
N ALA A 126 16.87 -8.36 -5.59
CA ALA A 126 15.56 -8.84 -6.05
C ALA A 126 14.50 -7.76 -5.93
N LEU A 127 14.59 -6.98 -4.84
CA LEU A 127 13.62 -5.90 -4.60
C LEU A 127 13.77 -4.78 -5.64
N ALA A 128 15.01 -4.35 -5.92
CA ALA A 128 15.26 -3.33 -6.94
C ALA A 128 14.85 -3.77 -8.35
N ALA A 129 15.07 -5.05 -8.67
CA ALA A 129 14.64 -5.64 -9.94
C ALA A 129 13.11 -5.64 -10.08
N ALA A 130 12.40 -6.02 -9.02
CA ALA A 130 10.92 -6.00 -9.00
C ALA A 130 10.36 -4.58 -9.13
N LEU A 131 10.95 -3.63 -8.40
CA LEU A 131 10.56 -2.22 -8.52
C LEU A 131 10.78 -1.68 -9.94
N THR A 132 11.91 -2.01 -10.56
CA THR A 132 12.21 -1.58 -11.94
C THR A 132 11.20 -2.17 -12.92
N ARG A 133 10.96 -3.48 -12.80
CA ARG A 133 9.98 -4.22 -13.63
C ARG A 133 8.59 -3.56 -13.57
N ASN A 134 8.14 -3.25 -12.36
CA ASN A 134 6.79 -2.72 -12.13
C ASN A 134 6.65 -1.23 -12.46
N ILE A 135 7.68 -0.43 -12.17
CA ILE A 135 7.58 1.05 -12.21
C ILE A 135 8.28 1.71 -13.41
N ARG A 136 9.49 1.25 -13.75
CA ARG A 136 10.25 1.80 -14.91
C ARG A 136 10.73 0.69 -15.86
N PRO A 137 9.77 -0.08 -16.42
CA PRO A 137 10.14 -1.16 -17.37
C PRO A 137 10.77 -0.68 -18.67
N ASP A 138 10.56 0.60 -19.01
CA ASP A 138 11.24 1.24 -20.14
C ASP A 138 12.78 1.36 -20.01
N LEU A 139 13.31 1.24 -18.79
CA LEU A 139 14.75 1.32 -18.53
C LEU A 139 15.33 -0.04 -18.17
N GLU A 140 16.40 -0.47 -18.85
CA GLU A 140 17.09 -1.71 -18.43
C GLU A 140 17.86 -1.50 -17.12
N PHE A 141 18.33 -0.27 -16.88
CA PHE A 141 18.86 0.13 -15.57
C PHE A 141 18.19 1.43 -15.09
N TRP A 142 17.60 1.39 -13.90
CA TRP A 142 16.98 2.56 -13.26
C TRP A 142 17.89 3.03 -12.13
N PRO A 143 18.61 4.16 -12.30
CA PRO A 143 19.57 4.63 -11.28
C PRO A 143 19.05 4.75 -9.86
N HIS A 144 17.77 5.09 -9.68
CA HIS A 144 17.19 5.29 -8.35
C HIS A 144 16.42 4.10 -7.76
N ALA A 145 16.41 2.95 -8.45
CA ALA A 145 15.75 1.74 -7.93
C ALA A 145 16.28 1.27 -6.58
N CYS A 146 17.60 1.30 -6.39
N CYS A 146 17.60 1.30 -6.39
CA CYS A 146 18.21 0.92 -5.11
CA CYS A 146 18.21 0.92 -5.11
C CYS A 146 17.89 1.91 -3.97
C CYS A 146 17.84 1.90 -3.97
N TYR A 147 17.70 3.18 -4.31
CA TYR A 147 17.24 4.21 -3.35
C TYR A 147 15.81 3.92 -2.86
N LEU A 148 14.92 3.65 -3.80
CA LEU A 148 13.53 3.32 -3.47
C LEU A 148 13.48 2.00 -2.66
N GLY A 149 14.29 1.03 -3.06
CA GLY A 149 14.39 -0.22 -2.32
C GLY A 149 14.84 -0.07 -0.87
N ALA A 150 15.84 0.80 -0.65
CA ALA A 150 16.27 1.12 0.72
C ALA A 150 15.12 1.71 1.56
N TYR A 151 14.36 2.63 0.96
CA TYR A 151 13.17 3.19 1.62
C TYR A 151 12.15 2.10 1.97
N VAL A 152 11.88 1.19 1.03
CA VAL A 152 10.90 0.11 1.26
C VAL A 152 11.34 -0.84 2.39
N LEU A 153 12.62 -1.22 2.41
CA LEU A 153 13.19 -2.05 3.49
C LEU A 153 13.05 -1.37 4.87
N GLN A 154 13.37 -0.08 4.95
CA GLN A 154 13.22 0.67 6.20
C GLN A 154 11.75 0.81 6.66
N CYS A 155 10.82 0.99 5.73
CA CYS A 155 9.39 1.00 6.06
C CYS A 155 8.94 -0.36 6.65
N ARG A 156 9.42 -1.46 6.06
CA ARG A 156 9.11 -2.79 6.56
C ARG A 156 9.57 -2.94 8.01
N ASP A 157 10.82 -2.50 8.26
CA ASP A 157 11.41 -2.56 9.62
C ASP A 157 10.59 -1.74 10.62
N CYS A 158 10.24 -0.50 10.24
CA CYS A 158 9.43 0.37 11.12
C CYS A 158 8.06 -0.22 11.44
N LEU A 159 7.35 -0.65 10.41
CA LEU A 159 6.03 -1.25 10.61
C LEU A 159 6.08 -2.47 11.54
N ARG A 160 7.10 -3.32 11.37
CA ARG A 160 7.26 -4.54 12.19
C ARG A 160 7.42 -4.24 13.68
N GLU A 161 8.08 -3.13 14.00
CA GLU A 161 8.35 -2.74 15.38
C GLU A 161 7.16 -2.09 16.09
N ILE A 162 6.16 -1.62 15.34
CA ILE A 162 4.93 -1.12 15.95
C ILE A 162 4.20 -2.34 16.56
N SER A 163 3.73 -2.21 17.80
CA SER A 163 2.98 -3.30 18.44
C SER A 163 1.67 -3.60 17.69
N ASP A 164 1.24 -4.86 17.74
CA ASP A 164 -0.09 -5.25 17.23
C ASP A 164 -1.21 -4.37 17.82
N GLU A 165 -1.13 -4.09 19.12
CA GLU A 165 -2.12 -3.26 19.83
C GLU A 165 -2.18 -1.82 19.28
N ALA A 166 -1.01 -1.20 19.12
CA ALA A 166 -0.94 0.18 18.63
C ALA A 166 -1.41 0.28 17.17
N LEU A 167 -1.02 -0.70 16.36
CA LEU A 167 -1.39 -0.70 14.94
C LEU A 167 -2.91 -0.87 14.77
N ALA A 168 -3.51 -1.76 15.55
CA ALA A 168 -4.97 -1.97 15.51
C ALA A 168 -5.77 -0.74 15.99
N ALA A 169 -5.15 0.08 16.86
CA ALA A 169 -5.72 1.36 17.29
C ALA A 169 -5.54 2.51 16.28
N GLY A 170 -4.84 2.26 15.16
CA GLY A 170 -4.65 3.23 14.10
C GLY A 170 -3.30 3.94 14.05
N ASP A 171 -2.34 3.52 14.90
CA ASP A 171 -1.03 4.21 14.99
C ASP A 171 -0.01 3.68 13.99
N ILE A 172 -0.29 3.88 12.70
CA ILE A 172 0.58 3.47 11.60
C ILE A 172 1.50 4.64 11.21
N SER A 173 2.74 4.33 10.81
CA SER A 173 3.63 5.33 10.22
C SER A 173 4.60 4.70 9.22
N TYR A 174 5.03 5.52 8.26
CA TYR A 174 6.05 5.19 7.28
C TYR A 174 7.26 6.09 7.51
N MET A 175 8.36 5.74 6.88
CA MET A 175 9.58 6.56 6.96
C MET A 175 9.40 7.85 6.14
N ASP A 176 10.10 8.92 6.54
CA ASP A 176 10.20 10.15 5.74
C ASP A 176 11.24 9.89 4.63
N VAL A 177 10.78 9.77 3.39
CA VAL A 177 11.67 9.49 2.25
C VAL A 177 12.81 10.52 2.09
N ASP A 178 12.61 11.77 2.53
CA ASP A 178 13.66 12.80 2.46
C ASP A 178 14.90 12.53 3.34
N GLN A 179 14.73 11.68 4.37
CA GLN A 179 15.82 11.26 5.24
C GLN A 179 16.58 10.01 4.76
N VAL A 180 16.16 9.43 3.63
CA VAL A 180 16.88 8.28 3.05
C VAL A 180 18.19 8.76 2.39
N ASP A 181 19.30 8.10 2.72
CA ASP A 181 20.60 8.45 2.13
C ASP A 181 21.56 7.27 2.11
MG MG B . -7.93 9.24 -6.97
MG MG C . -15.32 -0.43 5.78
C ACT D . 0.28 -9.73 0.24
O ACT D . 1.00 -9.38 -0.74
OXT ACT D . 0.48 -9.30 1.40
CH3 ACT D . -0.84 -10.69 0.00
C ACT E . 2.47 14.09 -6.45
O ACT E . 2.82 14.75 -7.45
OXT ACT E . 2.89 14.35 -5.29
CH3 ACT E . 1.51 12.96 -6.63
C1 GOL F . -8.65 -2.22 18.53
O1 GOL F . -8.87 -3.52 17.98
C2 GOL F . -10.01 -1.59 18.85
O2 GOL F . -10.48 -2.06 20.13
C3 GOL F . -9.89 -0.07 18.89
O3 GOL F . -11.18 0.53 19.10
C1 GOL G . 4.32 4.38 -16.52
O1 GOL G . 4.69 3.69 -17.72
C2 GOL G . 3.42 5.61 -16.66
O2 GOL G . 4.18 6.81 -16.82
C3 GOL G . 2.44 5.52 -17.86
O3 GOL G . 1.84 6.79 -18.17
#